data_6AGS
#
_entry.id   6AGS
#
_cell.length_a   80.570
_cell.length_b   80.570
_cell.length_c   209.966
_cell.angle_alpha   90.00
_cell.angle_beta   90.00
_cell.angle_gamma   90.00
#
_symmetry.space_group_name_H-M   'P 43 21 2'
#
loop_
_entity.id
_entity.type
_entity.pdbx_description
1 polymer 'NAD-dependent malic enzyme'
2 water water
#
_entity_poly.entity_id   1
_entity_poly.type   'polypeptide(L)'
_entity_poly.pdbx_seq_one_letter_code
;MEPKTKKQRSLYIPYAGPVLLEFPLLNKGSAFSMEERRNFNLLGLLPEVVETIEEQAERAWIQYQGFKTEIDKHIYLRNI
QDTNETLFYRLVNNHLDEMMPVIYTPTVGAACERFSEIYRRSRGVFISYQNRHNMDDILQNVPNHNIKVIVVTDGERILG
LGDQGIGGMGIPIGKLSLYTACGGISPAYTLPVVLDVGTNNQQLLNDPLYMGWRNPRITDDEYYEFVDEFIQAVKQRWPD
VLLQFEDFAQKNAMPLLNRYRNEICSFNDDIQGTAAVTVGTLIAASRAAGGQLSEKKIVFRGAGSAGCGIAEMIISQTQR
EGLSEEAARQKVFMVDRFGLLTDKMPNLLPFQTKLVQKRENLSDWDTDSDVLSLLDVVRNVKPDILIGVSGCTGLFTEEI
IREMHKHCPRPIVMPLSNPTSRVEATPQDIIAWTEGNALVATGSPFNPVVWKDKIYPIAQCNNAFIFPGIGLGVIASGAS
RITDEMLMSASETLAQYSPLVLNGEGMVLPELKDIQKVSRAIAFAVGKMAQQQGVAVKTSAEALQQAIDDNFWQAEYRDY
RRTSILEHHHHHH
;
_entity_poly.pdbx_strand_id   A
#
# COMPACT_ATOMS: atom_id res chain seq x y z
N GLN A 8 -31.64 -0.98 -0.86
CA GLN A 8 -30.93 0.23 -1.40
C GLN A 8 -31.82 0.94 -2.42
N ARG A 9 -31.87 2.26 -2.33
CA ARG A 9 -32.72 3.04 -3.23
C ARG A 9 -32.18 3.14 -4.68
N SER A 10 -33.04 3.66 -5.55
CA SER A 10 -32.69 3.87 -6.93
C SER A 10 -31.68 4.97 -7.03
N LEU A 11 -30.85 4.89 -8.07
CA LEU A 11 -29.98 5.98 -8.46
C LEU A 11 -30.64 6.76 -9.58
N TYR A 12 -30.56 8.08 -9.48
CA TYR A 12 -31.11 8.97 -10.47
C TYR A 12 -29.98 9.44 -11.35
N ILE A 13 -30.14 9.27 -12.67
CA ILE A 13 -29.03 9.49 -13.62
C ILE A 13 -29.50 10.15 -14.91
N PRO A 14 -28.78 11.19 -15.32
CA PRO A 14 -29.19 11.95 -16.51
C PRO A 14 -28.88 11.31 -17.88
N TYR A 15 -27.93 10.37 -17.93
CA TYR A 15 -27.45 9.81 -19.19
C TYR A 15 -28.39 8.76 -19.75
N ALA A 16 -28.36 8.62 -21.08
CA ALA A 16 -29.22 7.68 -21.80
C ALA A 16 -28.62 7.30 -23.15
N GLY A 17 -29.21 6.29 -23.79
CA GLY A 17 -28.80 5.90 -25.11
C GLY A 17 -27.35 5.41 -25.14
N PRO A 18 -26.66 5.55 -26.29
CA PRO A 18 -25.25 5.18 -26.33
C PRO A 18 -24.27 5.87 -25.34
N VAL A 19 -24.57 7.08 -24.93
CA VAL A 19 -23.84 7.78 -23.89
C VAL A 19 -23.79 6.95 -22.61
N LEU A 20 -24.96 6.43 -22.21
CA LEU A 20 -25.05 5.55 -21.05
C LEU A 20 -24.25 4.30 -21.23
N LEU A 21 -24.41 3.66 -22.38
CA LEU A 21 -23.66 2.41 -22.62
C LEU A 21 -22.16 2.64 -22.60
N GLU A 22 -21.73 3.87 -22.84
CA GLU A 22 -20.30 4.20 -22.90
C GLU A 22 -19.73 4.83 -21.61
N PHE A 23 -20.58 5.01 -20.57
CA PHE A 23 -20.20 5.63 -19.28
C PHE A 23 -19.82 4.50 -18.30
N PRO A 24 -18.53 4.24 -18.16
CA PRO A 24 -18.12 2.97 -17.53
C PRO A 24 -18.63 2.79 -16.05
N LEU A 25 -18.72 3.89 -15.30
CA LEU A 25 -19.18 3.80 -13.92
C LEU A 25 -20.64 3.31 -13.90
N LEU A 26 -21.46 3.73 -14.87
CA LEU A 26 -22.87 3.43 -14.86
C LEU A 26 -23.33 2.32 -15.80
N ASN A 27 -22.51 1.96 -16.78
CA ASN A 27 -22.94 1.02 -17.79
C ASN A 27 -23.13 -0.35 -17.14
N LYS A 28 -24.21 -1.01 -17.51
CA LYS A 28 -24.52 -2.38 -17.04
C LYS A 28 -24.51 -3.41 -18.13
N GLY A 29 -24.27 -2.96 -19.37
CA GLY A 29 -24.22 -3.85 -20.53
C GLY A 29 -25.45 -4.74 -20.58
N SER A 30 -25.23 -6.02 -20.82
CA SER A 30 -26.33 -6.95 -20.94
C SER A 30 -27.23 -7.12 -19.69
N ALA A 31 -26.88 -6.47 -18.58
CA ALA A 31 -27.66 -6.61 -17.36
C ALA A 31 -28.70 -5.52 -17.21
N PHE A 32 -28.79 -4.61 -18.18
CA PHE A 32 -29.83 -3.60 -18.10
C PHE A 32 -31.12 -4.39 -18.23
N SER A 33 -32.13 -4.08 -17.42
CA SER A 33 -33.39 -4.83 -17.48
C SER A 33 -34.23 -4.39 -18.65
N MET A 34 -35.27 -5.14 -18.95
CA MET A 34 -36.14 -4.71 -20.05
C MET A 34 -36.73 -3.32 -19.80
N GLU A 35 -37.14 -3.04 -18.58
CA GLU A 35 -37.70 -1.74 -18.25
C GLU A 35 -36.68 -0.60 -18.38
N GLU A 36 -35.49 -0.83 -17.89
CA GLU A 36 -34.40 0.15 -18.06
C GLU A 36 -34.09 0.40 -19.56
N ARG A 37 -34.09 -0.66 -20.37
CA ARG A 37 -33.84 -0.47 -21.79
C ARG A 37 -34.89 0.42 -22.41
N ARG A 38 -36.14 0.31 -21.94
CA ARG A 38 -37.22 1.19 -22.45
C ARG A 38 -37.04 2.61 -21.96
N ASN A 39 -36.76 2.78 -20.68
CA ASN A 39 -36.73 4.13 -20.12
C ASN A 39 -35.51 4.93 -20.52
N PHE A 40 -34.39 4.24 -20.78
CA PHE A 40 -33.15 4.91 -21.11
C PHE A 40 -32.80 4.81 -22.63
N ASN A 41 -33.77 4.48 -23.48
CA ASN A 41 -33.60 4.47 -24.94
C ASN A 41 -32.49 3.52 -25.42
N LEU A 42 -32.49 2.32 -24.89
CA LEU A 42 -31.48 1.32 -25.17
C LEU A 42 -32.01 0.18 -25.98
N LEU A 43 -33.32 0.08 -26.08
CA LEU A 43 -33.90 -0.99 -26.88
C LEU A 43 -33.23 -1.03 -28.29
N GLY A 44 -32.74 -2.19 -28.64
CA GLY A 44 -32.17 -2.43 -29.95
C GLY A 44 -30.69 -2.14 -30.04
N LEU A 45 -30.13 -1.50 -29.02
CA LEU A 45 -28.70 -1.20 -29.01
C LEU A 45 -27.89 -2.33 -28.40
N LEU A 46 -28.55 -3.38 -27.92
CA LEU A 46 -27.89 -4.47 -27.21
C LEU A 46 -28.55 -5.72 -27.67
N PRO A 47 -27.83 -6.84 -27.62
CA PRO A 47 -28.56 -8.10 -27.74
C PRO A 47 -29.69 -8.20 -26.74
N GLU A 48 -30.71 -8.96 -27.12
CA GLU A 48 -31.94 -9.16 -26.36
C GLU A 48 -31.67 -9.78 -24.95
N VAL A 49 -30.71 -10.67 -24.80
CA VAL A 49 -30.54 -11.36 -23.56
C VAL A 49 -30.31 -10.36 -22.39
N VAL A 50 -31.03 -10.60 -21.28
CA VAL A 50 -30.80 -9.97 -19.99
C VAL A 50 -29.99 -10.93 -19.14
N GLU A 51 -28.83 -10.54 -18.69
CA GLU A 51 -27.95 -11.43 -17.94
C GLU A 51 -27.73 -10.87 -16.55
N THR A 52 -27.15 -11.70 -15.66
CA THR A 52 -26.84 -11.24 -14.33
C THR A 52 -25.41 -10.83 -14.35
N ILE A 53 -25.00 -10.02 -13.37
CA ILE A 53 -23.57 -9.69 -13.24
C ILE A 53 -22.68 -10.92 -13.11
N GLU A 54 -23.21 -11.96 -12.48
CA GLU A 54 -22.39 -13.13 -12.26
C GLU A 54 -22.18 -13.90 -13.57
N GLU A 55 -23.19 -13.93 -14.41
CA GLU A 55 -23.00 -14.45 -15.78
C GLU A 55 -22.03 -13.54 -16.59
N GLN A 56 -22.11 -12.21 -16.46
CA GLN A 56 -21.14 -11.35 -17.15
C GLN A 56 -19.76 -11.65 -16.66
N ALA A 57 -19.58 -11.89 -15.33
CA ALA A 57 -18.22 -12.04 -14.78
C ALA A 57 -17.62 -13.34 -15.15
N GLU A 58 -18.47 -14.30 -15.37
CA GLU A 58 -18.03 -15.61 -15.84
C GLU A 58 -17.52 -15.57 -17.33
N ARG A 59 -18.24 -14.89 -18.22
CA ARG A 59 -17.73 -14.64 -19.60
C ARG A 59 -16.43 -13.87 -19.49
N ALA A 60 -16.37 -12.86 -18.62
CA ALA A 60 -15.15 -12.09 -18.55
C ALA A 60 -13.95 -12.90 -18.08
N TRP A 61 -14.21 -13.90 -17.23
CA TRP A 61 -13.11 -14.71 -16.72
C TRP A 61 -12.59 -15.62 -17.82
N ILE A 62 -13.52 -16.17 -18.60
CA ILE A 62 -13.13 -16.95 -19.78
C ILE A 62 -12.27 -16.10 -20.77
N GLN A 63 -12.65 -14.84 -21.00
CA GLN A 63 -11.82 -13.94 -21.81
C GLN A 63 -10.46 -13.75 -21.18
N TYR A 64 -10.44 -13.44 -19.87
CA TYR A 64 -9.19 -13.21 -19.17
C TYR A 64 -8.23 -14.37 -19.32
N GLN A 65 -8.74 -15.56 -19.20
CA GLN A 65 -7.87 -16.73 -19.30
C GLN A 65 -7.18 -16.93 -20.67
N GLY A 66 -7.72 -16.38 -21.73
CA GLY A 66 -7.10 -16.52 -23.07
C GLY A 66 -5.87 -15.64 -23.27
N PHE A 67 -5.56 -14.72 -22.35
CA PHE A 67 -4.38 -13.87 -22.48
C PHE A 67 -3.19 -14.59 -21.86
N LYS A 68 -2.01 -14.46 -22.47
CA LYS A 68 -0.89 -15.31 -22.12
C LYS A 68 0.23 -14.64 -21.33
N THR A 69 0.29 -13.33 -21.28
CA THR A 69 1.27 -12.66 -20.48
C THR A 69 0.58 -11.80 -19.43
N GLU A 70 1.35 -11.39 -18.45
CA GLU A 70 0.83 -10.52 -17.41
C GLU A 70 0.40 -9.16 -17.96
N ILE A 71 1.21 -8.57 -18.85
CA ILE A 71 0.91 -7.25 -19.35
C ILE A 71 -0.38 -7.25 -20.20
N ASP A 72 -0.61 -8.33 -20.94
CA ASP A 72 -1.84 -8.49 -21.69
C ASP A 72 -3.03 -8.68 -20.79
N LYS A 73 -2.85 -9.43 -19.70
CA LYS A 73 -3.95 -9.55 -18.70
C LYS A 73 -4.22 -8.17 -18.10
N HIS A 74 -3.16 -7.43 -17.80
CA HIS A 74 -3.33 -6.05 -17.28
C HIS A 74 -4.12 -5.15 -18.18
N ILE A 75 -3.88 -5.26 -19.51
CA ILE A 75 -4.53 -4.39 -20.49
C ILE A 75 -5.98 -4.78 -20.61
N TYR A 76 -6.20 -6.08 -20.59
CA TYR A 76 -7.56 -6.57 -20.64
C TYR A 76 -8.39 -6.05 -19.43
N LEU A 77 -7.81 -6.09 -18.24
CA LEU A 77 -8.51 -5.64 -17.01
C LEU A 77 -8.79 -4.19 -17.07
N ARG A 78 -7.80 -3.40 -17.49
CA ARG A 78 -8.05 -1.93 -17.72
C ARG A 78 -9.12 -1.67 -18.77
N ASN A 79 -9.15 -2.52 -19.81
CA ASN A 79 -10.22 -2.37 -20.83
C ASN A 79 -11.59 -2.63 -20.27
N ILE A 80 -11.72 -3.68 -19.43
CA ILE A 80 -13.03 -3.90 -18.71
C ILE A 80 -13.39 -2.78 -17.73
N GLN A 81 -12.41 -2.37 -16.93
CA GLN A 81 -12.59 -1.24 -16.04
C GLN A 81 -13.17 -0.06 -16.80
N ASP A 82 -12.67 0.17 -18.03
CA ASP A 82 -13.11 1.31 -18.89
C ASP A 82 -14.38 1.04 -19.68
N THR A 83 -14.97 -0.10 -19.46
CA THR A 83 -16.27 -0.42 -20.07
C THR A 83 -17.43 -0.56 -19.06
N ASN A 84 -17.22 -1.30 -17.98
CA ASN A 84 -18.29 -1.55 -16.94
C ASN A 84 -17.60 -1.71 -15.58
N GLU A 85 -17.54 -0.61 -14.82
CA GLU A 85 -16.79 -0.63 -13.53
C GLU A 85 -17.34 -1.70 -12.54
N THR A 86 -18.63 -1.86 -12.43
CA THR A 86 -19.16 -2.84 -11.48
C THR A 86 -18.78 -4.23 -11.88
N LEU A 87 -18.77 -4.49 -13.19
CA LEU A 87 -18.39 -5.83 -13.68
C LEU A 87 -16.96 -6.10 -13.43
N PHE A 88 -16.14 -5.10 -13.70
CA PHE A 88 -14.68 -5.20 -13.42
C PHE A 88 -14.50 -5.64 -11.93
N TYR A 89 -15.19 -4.96 -11.01
CA TYR A 89 -15.00 -5.29 -9.57
C TYR A 89 -15.57 -6.66 -9.20
N ARG A 90 -16.64 -7.05 -9.84
CA ARG A 90 -17.14 -8.36 -9.63
C ARG A 90 -16.16 -9.44 -10.05
N LEU A 91 -15.57 -9.28 -11.24
CA LEU A 91 -14.61 -10.21 -11.72
C LEU A 91 -13.41 -10.25 -10.82
N VAL A 92 -12.91 -9.08 -10.41
CA VAL A 92 -11.75 -9.05 -9.48
C VAL A 92 -12.06 -9.79 -8.13
N ASN A 93 -13.22 -9.55 -7.57
CA ASN A 93 -13.60 -10.18 -6.31
C ASN A 93 -13.62 -11.68 -6.44
N ASN A 94 -13.99 -12.20 -7.60
CA ASN A 94 -14.00 -13.66 -7.82
C ASN A 94 -12.66 -14.28 -8.01
N HIS A 95 -11.60 -13.51 -8.15
CA HIS A 95 -10.27 -14.07 -8.51
C HIS A 95 -9.20 -13.18 -7.94
N LEU A 96 -9.37 -12.84 -6.68
CA LEU A 96 -8.56 -11.82 -6.06
C LEU A 96 -7.09 -12.19 -6.08
N ASP A 97 -6.80 -13.44 -5.76
CA ASP A 97 -5.39 -13.86 -5.66
C ASP A 97 -4.66 -13.82 -6.98
N GLU A 98 -5.34 -14.26 -8.02
CA GLU A 98 -4.79 -14.19 -9.37
C GLU A 98 -4.60 -12.75 -9.93
N MET A 99 -5.53 -11.85 -9.65
CA MET A 99 -5.55 -10.56 -10.30
C MET A 99 -4.87 -9.47 -9.60
N MET A 100 -4.78 -9.53 -8.27
CA MET A 100 -4.20 -8.43 -7.52
C MET A 100 -2.79 -8.09 -8.03
N PRO A 101 -1.96 -9.09 -8.28
CA PRO A 101 -0.63 -8.80 -8.83
C PRO A 101 -0.60 -8.33 -10.30
N VAL A 102 -1.73 -8.49 -11.02
CA VAL A 102 -1.89 -7.97 -12.36
C VAL A 102 -2.38 -6.53 -12.36
N ILE A 103 -3.30 -6.20 -11.44
CA ILE A 103 -3.83 -4.85 -11.24
C ILE A 103 -2.74 -3.96 -10.68
N TYR A 104 -1.98 -4.52 -9.74
CA TYR A 104 -1.03 -3.71 -8.98
C TYR A 104 0.34 -4.31 -9.10
N THR A 105 1.16 -4.18 -8.06
CA THR A 105 2.57 -4.62 -8.12
C THR A 105 2.62 -6.14 -8.27
N PRO A 106 3.56 -6.70 -9.07
CA PRO A 106 4.59 -6.08 -9.94
C PRO A 106 4.19 -5.65 -11.39
N THR A 107 3.05 -6.09 -11.91
CA THR A 107 2.72 -5.82 -13.29
C THR A 107 2.47 -4.34 -13.58
N VAL A 108 1.87 -3.62 -12.64
CA VAL A 108 1.58 -2.24 -12.84
C VAL A 108 2.88 -1.47 -13.11
N GLY A 109 4.01 -1.94 -12.59
CA GLY A 109 5.30 -1.30 -12.82
C GLY A 109 5.65 -1.30 -14.31
N ALA A 110 5.44 -2.45 -14.95
CA ALA A 110 5.70 -2.58 -16.36
C ALA A 110 4.78 -1.66 -17.12
N ALA A 111 3.48 -1.71 -16.81
CA ALA A 111 2.55 -0.76 -17.39
C ALA A 111 3.03 0.74 -17.33
N CYS A 112 3.63 1.15 -16.20
CA CYS A 112 4.08 2.52 -16.01
C CYS A 112 5.29 2.82 -16.91
N GLU A 113 6.24 1.88 -16.99
CA GLU A 113 7.37 2.01 -17.89
C GLU A 113 6.96 2.26 -19.35
N ARG A 114 5.87 1.62 -19.78
CA ARG A 114 5.43 1.60 -21.15
C ARG A 114 4.22 2.44 -21.37
N PHE A 115 3.86 3.31 -20.44
CA PHE A 115 2.58 4.07 -20.49
C PHE A 115 2.35 4.70 -21.89
N SER A 116 3.40 5.34 -22.42
CA SER A 116 3.28 6.13 -23.64
C SER A 116 3.19 5.24 -24.91
N GLU A 117 3.75 4.05 -24.85
CA GLU A 117 3.53 3.05 -25.91
C GLU A 117 2.20 2.27 -25.84
N ILE A 118 1.64 1.96 -24.63
CA ILE A 118 0.44 1.14 -24.57
C ILE A 118 -0.80 1.95 -24.43
N TYR A 119 -0.65 3.27 -24.29
CA TYR A 119 -1.78 4.13 -24.07
C TYR A 119 -2.93 3.85 -24.99
N ARG A 120 -4.13 3.67 -24.46
CA ARG A 120 -5.33 3.54 -25.24
C ARG A 120 -6.22 4.69 -25.04
N ARG A 121 -6.45 5.04 -23.77
CA ARG A 121 -7.43 6.10 -23.40
C ARG A 121 -7.07 6.69 -22.08
N SER A 122 -7.74 7.77 -21.70
CA SER A 122 -7.34 8.48 -20.49
C SER A 122 -8.26 8.03 -19.36
N ARG A 123 -7.68 7.76 -18.21
CA ARG A 123 -8.45 7.63 -16.94
C ARG A 123 -7.71 8.49 -15.96
N GLY A 124 -8.40 9.22 -15.12
CA GLY A 124 -7.68 9.98 -14.12
C GLY A 124 -7.50 11.41 -14.52
N VAL A 125 -6.95 12.19 -13.59
CA VAL A 125 -6.72 13.60 -13.71
C VAL A 125 -5.20 13.81 -13.80
N PHE A 126 -4.77 14.62 -14.75
CA PHE A 126 -3.38 14.96 -15.05
C PHE A 126 -3.28 16.47 -14.81
N ILE A 127 -2.30 16.87 -13.99
CA ILE A 127 -2.07 18.25 -13.67
C ILE A 127 -0.59 18.48 -13.96
N SER A 128 -0.32 19.21 -15.02
CA SER A 128 1.03 19.48 -15.42
C SER A 128 1.47 20.85 -14.92
N TYR A 129 2.79 21.08 -14.95
CA TYR A 129 3.34 22.40 -14.62
C TYR A 129 2.68 23.53 -15.39
N GLN A 130 2.35 23.32 -16.67
CA GLN A 130 1.78 24.38 -17.50
C GLN A 130 0.39 24.68 -17.07
N ASN A 131 -0.24 23.75 -16.37
CA ASN A 131 -1.60 24.00 -15.89
C ASN A 131 -1.66 24.60 -14.47
N ARG A 132 -0.51 24.86 -13.90
CA ARG A 132 -0.45 25.28 -12.53
C ARG A 132 -1.31 26.45 -12.11
N HIS A 133 -1.70 27.34 -13.01
CA HIS A 133 -2.68 28.42 -12.67
C HIS A 133 -4.16 28.11 -12.96
N ASN A 134 -4.46 26.87 -13.31
CA ASN A 134 -5.81 26.49 -13.65
C ASN A 134 -6.22 25.17 -12.99
N MET A 135 -5.75 24.95 -11.77
CA MET A 135 -6.03 23.69 -11.10
C MET A 135 -7.46 23.67 -10.68
N ASP A 136 -8.05 24.82 -10.40
CA ASP A 136 -9.48 24.81 -10.06
C ASP A 136 -10.26 24.34 -11.27
N ASP A 137 -9.89 24.80 -12.45
CA ASP A 137 -10.69 24.48 -13.65
C ASP A 137 -10.62 22.98 -13.91
N ILE A 138 -9.40 22.45 -13.81
CA ILE A 138 -9.21 21.05 -13.91
C ILE A 138 -10.08 20.26 -12.92
N LEU A 139 -10.12 20.66 -11.64
CA LEU A 139 -10.85 19.84 -10.67
C LEU A 139 -12.33 19.94 -10.92
N GLN A 140 -12.76 21.10 -11.37
CA GLN A 140 -14.14 21.33 -11.83
C GLN A 140 -14.52 20.40 -13.01
N ASN A 141 -13.55 19.94 -13.79
CA ASN A 141 -13.83 19.01 -14.89
C ASN A 141 -14.09 17.56 -14.49
N VAL A 142 -13.92 17.23 -13.22
CA VAL A 142 -14.25 15.90 -12.70
C VAL A 142 -15.75 15.86 -12.50
N PRO A 143 -16.44 14.92 -13.15
CA PRO A 143 -17.94 14.95 -13.09
C PRO A 143 -18.56 14.39 -11.79
N ASN A 144 -17.79 13.62 -11.02
CA ASN A 144 -18.27 12.97 -9.80
C ASN A 144 -18.89 13.96 -8.83
N HIS A 145 -20.06 13.62 -8.32
CA HIS A 145 -20.72 14.48 -7.36
C HIS A 145 -19.90 14.57 -6.09
N ASN A 146 -19.23 13.49 -5.70
CA ASN A 146 -18.38 13.52 -4.48
C ASN A 146 -17.14 12.65 -4.58
N ILE A 147 -16.01 13.17 -4.15
CA ILE A 147 -14.80 12.44 -4.15
C ILE A 147 -14.33 12.28 -2.72
N LYS A 148 -13.95 11.07 -2.31
CA LYS A 148 -13.62 10.77 -0.92
C LYS A 148 -12.23 10.24 -0.76
N VAL A 149 -11.65 9.63 -1.81
CA VAL A 149 -10.26 9.19 -1.74
C VAL A 149 -9.52 9.56 -3.03
N ILE A 150 -8.40 10.28 -2.89
CA ILE A 150 -7.50 10.62 -3.96
C ILE A 150 -6.18 9.94 -3.70
N VAL A 151 -5.62 9.28 -4.71
CA VAL A 151 -4.27 8.82 -4.71
C VAL A 151 -3.49 9.62 -5.75
N VAL A 152 -2.36 10.19 -5.33
CA VAL A 152 -1.62 11.15 -6.10
C VAL A 152 -0.16 10.72 -6.11
N THR A 153 0.48 10.88 -7.27
CA THR A 153 1.88 10.58 -7.48
C THR A 153 2.45 11.63 -8.44
N ASP A 154 3.75 11.85 -8.37
CA ASP A 154 4.49 12.62 -9.40
C ASP A 154 5.39 11.66 -10.18
N GLY A 155 5.22 10.38 -9.95
CA GLY A 155 5.91 9.37 -10.70
C GLY A 155 7.40 9.30 -10.56
N GLU A 156 7.96 9.96 -9.55
CA GLU A 156 9.46 10.00 -9.44
C GLU A 156 10.14 8.74 -8.94
N ARG A 157 9.41 7.88 -8.24
CA ARG A 157 9.99 6.68 -7.61
C ARG A 157 9.03 5.48 -7.57
N ILE A 158 8.95 4.80 -8.69
CA ILE A 158 8.05 3.73 -8.88
C ILE A 158 8.84 2.47 -8.51
N LEU A 159 8.38 1.77 -7.48
CA LEU A 159 8.72 0.38 -7.16
C LEU A 159 9.91 -0.22 -7.88
N GLY A 160 11.10 0.28 -7.59
CA GLY A 160 12.31 -0.28 -8.21
C GLY A 160 12.48 -0.01 -9.71
N LEU A 161 11.80 1.00 -10.22
CA LEU A 161 11.96 1.43 -11.61
C LEU A 161 12.37 2.88 -11.74
N GLY A 162 12.39 3.64 -10.66
CA GLY A 162 12.80 5.02 -10.71
C GLY A 162 11.75 5.95 -11.28
N ASP A 163 12.24 6.99 -11.98
CA ASP A 163 11.43 8.10 -12.46
C ASP A 163 10.72 7.66 -13.78
N GLN A 164 9.39 7.61 -13.80
CA GLN A 164 8.66 7.21 -14.97
C GLN A 164 7.72 8.29 -15.44
N GLY A 165 7.95 9.49 -14.99
CA GLY A 165 7.23 10.62 -15.52
C GLY A 165 5.76 10.38 -15.41
N ILE A 166 5.02 10.80 -16.43
CA ILE A 166 3.58 10.83 -16.38
C ILE A 166 3.08 9.37 -16.34
N GLY A 167 3.94 8.42 -16.70
CA GLY A 167 3.57 7.02 -16.69
C GLY A 167 3.28 6.51 -15.26
N GLY A 168 3.66 7.30 -14.24
CA GLY A 168 3.20 7.12 -12.88
C GLY A 168 1.70 6.96 -12.71
N MET A 169 0.91 7.46 -13.63
CA MET A 169 -0.53 7.39 -13.52
C MET A 169 -1.03 5.99 -13.22
N GLY A 170 -0.36 4.99 -13.72
CA GLY A 170 -0.93 3.69 -13.51
C GLY A 170 -0.93 3.29 -12.02
N ILE A 171 -0.05 3.91 -11.22
CA ILE A 171 0.04 3.60 -9.79
C ILE A 171 -1.23 4.01 -9.03
N PRO A 172 -1.64 5.30 -9.11
CA PRO A 172 -2.89 5.62 -8.43
C PRO A 172 -4.06 4.81 -8.92
N ILE A 173 -4.09 4.50 -10.21
CA ILE A 173 -5.29 3.85 -10.75
C ILE A 173 -5.32 2.46 -10.10
N GLY A 174 -4.20 1.76 -10.15
CA GLY A 174 -4.12 0.43 -9.52
C GLY A 174 -4.42 0.46 -8.00
N LYS A 175 -3.84 1.43 -7.31
CA LYS A 175 -4.02 1.60 -5.89
C LYS A 175 -5.48 1.82 -5.54
N LEU A 176 -6.16 2.72 -6.24
CA LEU A 176 -7.58 2.91 -6.00
C LEU A 176 -8.41 1.69 -6.27
N SER A 177 -8.01 0.86 -7.22
CA SER A 177 -8.77 -0.39 -7.44
C SER A 177 -8.67 -1.30 -6.17
N LEU A 178 -7.51 -1.31 -5.50
CA LEU A 178 -7.34 -1.98 -4.23
C LEU A 178 -8.15 -1.35 -3.09
N TYR A 179 -8.23 -0.03 -2.99
CA TYR A 179 -9.16 0.56 -2.03
C TYR A 179 -10.58 0.00 -2.23
N THR A 180 -11.00 -0.13 -3.49
CA THR A 180 -12.37 -0.52 -3.79
C THR A 180 -12.52 -1.99 -3.54
N ALA A 181 -11.60 -2.78 -4.08
CA ALA A 181 -11.73 -4.23 -3.97
C ALA A 181 -11.46 -4.77 -2.52
N CYS A 182 -10.52 -4.16 -1.81
CA CYS A 182 -10.13 -4.61 -0.50
C CYS A 182 -10.91 -3.90 0.62
N GLY A 183 -11.12 -2.57 0.51
CA GLY A 183 -11.72 -1.77 1.56
C GLY A 183 -13.16 -1.40 1.29
N GLY A 184 -13.75 -1.81 0.17
CA GLY A 184 -15.12 -1.41 -0.12
C GLY A 184 -15.38 0.05 -0.40
N ILE A 185 -14.35 0.80 -0.74
CA ILE A 185 -14.63 2.22 -1.16
C ILE A 185 -15.28 2.19 -2.60
N SER A 186 -16.43 2.82 -2.76
CA SER A 186 -17.13 2.85 -4.02
C SER A 186 -16.23 3.48 -5.09
N PRO A 187 -16.19 2.88 -6.29
CA PRO A 187 -15.47 3.55 -7.40
C PRO A 187 -16.12 4.84 -7.84
N ALA A 188 -17.34 5.12 -7.40
CA ALA A 188 -17.83 6.49 -7.62
C ALA A 188 -17.13 7.57 -6.81
N TYR A 189 -16.30 7.19 -5.84
CA TYR A 189 -15.79 8.19 -4.89
C TYR A 189 -14.28 8.28 -4.90
N THR A 190 -13.62 7.59 -5.82
CA THR A 190 -12.16 7.61 -5.93
C THR A 190 -11.65 8.42 -7.17
N LEU A 191 -10.45 9.00 -7.09
CA LEU A 191 -9.91 9.84 -8.13
C LEU A 191 -8.40 9.69 -8.15
N PRO A 192 -7.87 9.07 -9.21
CA PRO A 192 -6.43 9.01 -9.44
C PRO A 192 -5.88 10.27 -10.08
N VAL A 193 -4.73 10.74 -9.60
CA VAL A 193 -4.18 12.00 -9.98
C VAL A 193 -2.70 11.78 -10.20
N VAL A 194 -2.20 12.29 -11.31
CA VAL A 194 -0.75 12.40 -11.53
C VAL A 194 -0.38 13.88 -11.65
N LEU A 195 0.69 14.25 -10.95
CA LEU A 195 1.30 15.58 -11.05
C LEU A 195 2.46 15.48 -12.03
N ASP A 196 2.38 16.21 -13.14
CA ASP A 196 3.45 16.14 -14.15
C ASP A 196 4.26 17.42 -14.02
N VAL A 197 5.43 17.28 -13.40
CA VAL A 197 6.32 18.42 -13.19
C VAL A 197 7.65 18.16 -13.92
N GLY A 198 7.61 17.22 -14.86
CA GLY A 198 8.75 16.85 -15.66
C GLY A 198 9.25 15.51 -15.31
N THR A 199 10.36 15.12 -15.95
CA THR A 199 10.96 13.83 -15.68
C THR A 199 12.48 13.96 -15.91
N ASN A 200 13.26 13.32 -15.06
CA ASN A 200 14.71 13.28 -15.26
C ASN A 200 15.10 11.97 -15.93
N ASN A 201 14.15 11.16 -16.37
CA ASN A 201 14.49 9.94 -17.08
C ASN A 201 14.76 10.33 -18.55
N GLN A 202 16.04 10.28 -18.94
CA GLN A 202 16.48 10.84 -20.22
C GLN A 202 15.95 9.96 -21.35
N GLN A 203 15.84 8.67 -21.09
CA GLN A 203 15.22 7.79 -22.06
C GLN A 203 13.74 8.16 -22.36
N LEU A 204 13.01 8.76 -21.40
CA LEU A 204 11.63 9.16 -21.67
C LEU A 204 11.66 10.48 -22.34
N LEU A 205 12.52 11.38 -21.89
CA LEU A 205 12.63 12.68 -22.54
C LEU A 205 12.98 12.52 -24.04
N ASN A 206 13.70 11.46 -24.37
CA ASN A 206 14.09 11.15 -25.73
C ASN A 206 13.19 10.20 -26.52
N ASP A 207 12.10 9.73 -25.89
CA ASP A 207 11.16 8.81 -26.51
C ASP A 207 10.21 9.67 -27.34
N PRO A 208 10.22 9.46 -28.68
CA PRO A 208 9.31 10.22 -29.55
C PRO A 208 7.84 9.98 -29.20
N LEU A 209 7.54 8.80 -28.68
CA LEU A 209 6.15 8.48 -28.24
C LEU A 209 5.73 9.02 -26.86
N TYR A 210 6.62 9.68 -26.13
CA TYR A 210 6.32 10.10 -24.76
C TYR A 210 5.17 11.07 -24.71
N MET A 211 4.20 10.79 -23.83
CA MET A 211 3.03 11.64 -23.77
C MET A 211 3.03 12.68 -22.66
N GLY A 212 4.12 12.82 -21.93
CA GLY A 212 4.14 13.78 -20.85
C GLY A 212 4.96 15.01 -21.19
N TRP A 213 5.03 15.95 -20.24
CA TRP A 213 5.76 17.19 -20.40
C TRP A 213 7.24 16.90 -20.68
N ARG A 214 7.68 17.28 -21.86
CA ARG A 214 9.00 16.86 -22.31
C ARG A 214 10.10 17.80 -21.76
N ASN A 215 10.35 17.70 -20.46
CA ASN A 215 11.14 18.67 -19.71
C ASN A 215 11.71 18.06 -18.42
N PRO A 216 12.94 18.43 -18.03
CA PRO A 216 13.46 17.91 -16.76
C PRO A 216 12.64 18.40 -15.58
N ARG A 217 12.71 17.69 -14.45
CA ARG A 217 11.89 18.06 -13.26
C ARG A 217 12.20 19.46 -12.81
N ILE A 218 11.15 20.22 -12.49
CA ILE A 218 11.26 21.59 -12.02
C ILE A 218 12.06 21.70 -10.71
N THR A 219 12.49 22.90 -10.35
CA THR A 219 13.34 23.11 -9.16
C THR A 219 12.51 22.95 -7.88
N ASP A 220 13.22 22.79 -6.77
CA ASP A 220 12.63 22.64 -5.43
C ASP A 220 11.65 23.75 -5.04
N ASP A 221 12.03 25.00 -5.20
CA ASP A 221 11.09 26.07 -4.93
C ASP A 221 9.88 25.98 -5.83
N GLU A 222 10.09 25.80 -7.14
CA GLU A 222 8.97 25.65 -8.10
C GLU A 222 8.06 24.48 -7.67
N TYR A 223 8.68 23.37 -7.37
CA TYR A 223 7.98 22.17 -6.90
C TYR A 223 7.05 22.38 -5.67
N TYR A 224 7.55 22.97 -4.59
CA TYR A 224 6.76 23.10 -3.38
C TYR A 224 5.67 24.13 -3.54
N GLU A 225 5.87 25.14 -4.37
CA GLU A 225 4.77 26.05 -4.67
C GLU A 225 3.69 25.34 -5.50
N PHE A 226 4.11 24.52 -6.45
CA PHE A 226 3.15 23.84 -7.31
C PHE A 226 2.32 22.85 -6.47
N VAL A 227 2.98 22.04 -5.65
CA VAL A 227 2.23 21.10 -4.83
C VAL A 227 1.28 21.80 -3.88
N ASP A 228 1.65 22.99 -3.37
CA ASP A 228 0.76 23.73 -2.50
C ASP A 228 -0.46 24.24 -3.23
N GLU A 229 -0.31 24.63 -4.47
CA GLU A 229 -1.49 25.04 -5.24
C GLU A 229 -2.40 23.83 -5.42
N PHE A 230 -1.81 22.66 -5.60
CA PHE A 230 -2.58 21.46 -5.75
C PHE A 230 -3.34 21.11 -4.48
N ILE A 231 -2.66 21.16 -3.34
CA ILE A 231 -3.33 20.87 -2.08
C ILE A 231 -4.44 21.84 -1.82
N GLN A 232 -4.20 23.14 -2.05
CA GLN A 232 -5.26 24.14 -1.84
C GLN A 232 -6.42 23.94 -2.75
N ALA A 233 -6.17 23.55 -3.99
CA ALA A 233 -7.27 23.32 -4.94
C ALA A 233 -8.12 22.13 -4.55
N VAL A 234 -7.47 21.01 -4.20
CA VAL A 234 -8.16 19.83 -3.61
C VAL A 234 -8.98 20.16 -2.35
N LYS A 235 -8.39 20.90 -1.42
CA LYS A 235 -9.16 21.34 -0.24
C LYS A 235 -10.43 22.16 -0.55
N GLN A 236 -10.32 23.14 -1.42
CA GLN A 236 -11.49 23.94 -1.78
C GLN A 236 -12.64 23.09 -2.31
N ARG A 237 -12.34 22.12 -3.18
CA ARG A 237 -13.36 21.33 -3.85
C ARG A 237 -13.86 20.23 -2.93
N TRP A 238 -12.93 19.48 -2.32
CA TRP A 238 -13.32 18.35 -1.44
C TRP A 238 -12.66 18.44 -0.08
N PRO A 239 -13.21 19.28 0.82
CA PRO A 239 -12.49 19.50 2.10
C PRO A 239 -12.28 18.21 2.91
N ASP A 240 -13.20 17.25 2.82
CA ASP A 240 -13.04 16.06 3.68
C ASP A 240 -12.33 14.90 3.01
N VAL A 241 -11.66 15.17 1.91
CA VAL A 241 -11.16 14.10 1.13
C VAL A 241 -10.06 13.47 1.93
N LEU A 242 -9.88 12.18 1.69
CA LEU A 242 -8.64 11.49 2.09
C LEU A 242 -7.66 11.56 0.95
N LEU A 243 -6.50 12.16 1.13
CA LEU A 243 -5.45 12.22 0.11
C LEU A 243 -4.27 11.33 0.43
N GLN A 244 -3.95 10.38 -0.43
CA GLN A 244 -2.83 9.51 -0.19
C GLN A 244 -1.74 9.77 -1.19
N PHE A 245 -0.53 10.07 -0.70
CA PHE A 245 0.65 10.32 -1.47
C PHE A 245 1.30 8.96 -1.77
N GLU A 246 1.78 8.79 -3.00
CA GLU A 246 2.36 7.52 -3.44
C GLU A 246 3.54 7.72 -4.41
N ASP A 247 4.62 6.99 -4.21
CA ASP A 247 5.82 6.97 -5.08
C ASP A 247 6.42 8.34 -5.37
N PHE A 248 6.54 9.18 -4.36
CA PHE A 248 7.35 10.39 -4.47
C PHE A 248 8.78 10.03 -4.16
N ALA A 249 9.72 10.90 -4.56
CA ALA A 249 11.12 10.69 -4.24
C ALA A 249 11.31 10.75 -2.71
N GLN A 250 12.29 10.02 -2.19
CA GLN A 250 12.65 10.16 -0.77
C GLN A 250 12.88 11.59 -0.28
N LYS A 251 13.57 12.42 -1.05
CA LYS A 251 13.73 13.81 -0.63
C LYS A 251 12.41 14.56 -0.50
N ASN A 252 11.33 14.07 -1.10
CA ASN A 252 10.09 14.81 -1.05
C ASN A 252 9.00 14.18 -0.18
N ALA A 253 9.11 12.89 0.02
CA ALA A 253 8.01 12.12 0.58
C ALA A 253 7.78 12.54 2.04
N MET A 254 8.85 12.54 2.83
CA MET A 254 8.71 12.92 4.21
C MET A 254 8.35 14.39 4.41
N PRO A 255 9.02 15.33 3.72
CA PRO A 255 8.64 16.72 3.93
C PRO A 255 7.20 17.01 3.58
N LEU A 256 6.68 16.40 2.53
CA LEU A 256 5.29 16.67 2.14
C LEU A 256 4.33 16.14 3.18
N LEU A 257 4.62 14.93 3.66
CA LEU A 257 3.79 14.31 4.68
C LEU A 257 3.75 15.22 5.93
N ASN A 258 4.92 15.67 6.39
CA ASN A 258 4.97 16.59 7.55
C ASN A 258 4.26 17.87 7.28
N ARG A 259 4.42 18.43 6.09
CA ARG A 259 3.78 19.72 5.83
C ARG A 259 2.25 19.60 5.77
N TYR A 260 1.71 18.47 5.35
CA TYR A 260 0.27 18.49 5.01
C TYR A 260 -0.61 17.58 5.85
N ARG A 261 0.01 16.70 6.65
CA ARG A 261 -0.75 15.76 7.38
C ARG A 261 -1.72 16.36 8.39
N ASN A 262 -1.50 17.60 8.80
CA ASN A 262 -2.48 18.35 9.60
C ASN A 262 -3.28 19.35 8.83
N GLU A 263 -3.00 19.56 7.57
CA GLU A 263 -3.79 20.52 6.76
C GLU A 263 -4.97 19.85 5.99
N ILE A 264 -4.82 18.57 5.67
CA ILE A 264 -5.84 17.83 4.92
C ILE A 264 -5.70 16.37 5.39
N CYS A 265 -6.80 15.67 5.43
CA CYS A 265 -6.71 14.28 5.88
C CYS A 265 -5.84 13.47 4.90
N SER A 266 -4.69 13.00 5.32
CA SER A 266 -3.71 12.47 4.41
C SER A 266 -2.67 11.60 5.05
N PHE A 267 -2.13 10.66 4.29
CA PHE A 267 -1.01 9.87 4.66
C PHE A 267 -0.20 9.44 3.42
N ASN A 268 0.96 8.88 3.64
CA ASN A 268 1.81 8.37 2.59
C ASN A 268 1.98 6.89 2.78
N ASP A 269 1.44 6.09 1.87
CA ASP A 269 1.47 4.67 2.10
C ASP A 269 2.86 4.06 2.12
N ASP A 270 3.78 4.62 1.36
CA ASP A 270 5.12 4.01 1.26
C ASP A 270 5.84 4.12 2.65
N ILE A 271 5.76 5.29 3.27
CA ILE A 271 6.32 5.51 4.58
C ILE A 271 5.43 4.83 5.66
N GLN A 272 4.22 5.35 5.84
CA GLN A 272 3.35 4.94 6.97
C GLN A 272 2.72 3.56 6.79
N GLY A 273 2.20 3.25 5.61
CA GLY A 273 1.63 1.92 5.44
C GLY A 273 2.64 0.79 5.54
N THR A 274 3.82 1.00 4.99
CA THR A 274 4.84 -0.03 5.07
C THR A 274 5.26 -0.31 6.54
N ALA A 275 5.46 0.76 7.30
CA ALA A 275 5.77 0.60 8.71
C ALA A 275 4.66 -0.18 9.44
N ALA A 276 3.43 0.24 9.25
CA ALA A 276 2.32 -0.40 9.90
C ALA A 276 2.18 -1.88 9.59
N VAL A 277 2.30 -2.29 8.33
CA VAL A 277 2.07 -3.71 8.05
C VAL A 277 3.23 -4.50 8.62
N THR A 278 4.42 -3.96 8.61
CA THR A 278 5.57 -4.65 9.12
C THR A 278 5.42 -4.80 10.65
N VAL A 279 4.99 -3.75 11.34
CA VAL A 279 4.84 -3.86 12.80
C VAL A 279 3.77 -4.88 13.13
N GLY A 280 2.71 -4.88 12.33
CA GLY A 280 1.65 -5.86 12.53
C GLY A 280 2.20 -7.29 12.42
N THR A 281 3.04 -7.51 11.42
CA THR A 281 3.63 -8.81 11.21
C THR A 281 4.52 -9.16 12.40
N LEU A 282 5.35 -8.22 12.84
CA LEU A 282 6.24 -8.46 13.98
C LEU A 282 5.44 -8.81 15.24
N ILE A 283 4.32 -8.13 15.49
CA ILE A 283 3.53 -8.45 16.65
C ILE A 283 3.15 -9.91 16.59
N ALA A 284 2.54 -10.31 15.49
CA ALA A 284 2.00 -11.66 15.35
C ALA A 284 3.07 -12.76 15.36
N ALA A 285 4.19 -12.49 14.69
CA ALA A 285 5.33 -13.41 14.67
C ALA A 285 5.82 -13.66 16.08
N SER A 286 6.15 -12.59 16.80
CA SER A 286 6.63 -12.67 18.18
C SER A 286 5.70 -13.48 19.08
N ARG A 287 4.39 -13.31 18.93
CA ARG A 287 3.44 -14.09 19.71
C ARG A 287 3.49 -15.56 19.31
N ALA A 288 3.73 -15.85 18.03
CA ALA A 288 3.82 -17.25 17.56
C ALA A 288 5.13 -17.93 17.98
N ALA A 289 6.23 -17.18 18.04
CA ALA A 289 7.49 -17.68 18.61
C ALA A 289 7.46 -17.87 20.14
N GLY A 290 6.41 -17.36 20.80
CA GLY A 290 6.28 -17.38 22.26
C GLY A 290 6.65 -16.03 22.83
N GLY A 291 5.77 -15.44 23.64
CA GLY A 291 6.07 -14.15 24.26
C GLY A 291 5.51 -12.99 23.47
N GLN A 292 6.34 -11.97 23.22
CA GLN A 292 5.84 -10.72 22.61
C GLN A 292 6.98 -9.81 22.13
N LEU A 293 6.65 -8.89 21.26
CA LEU A 293 7.65 -8.09 20.64
C LEU A 293 8.54 -7.31 21.62
N SER A 294 7.95 -6.91 22.75
CA SER A 294 8.71 -6.15 23.78
C SER A 294 9.87 -6.96 24.35
N GLU A 295 9.68 -8.27 24.46
CA GLU A 295 10.74 -9.20 24.91
C GLU A 295 11.93 -9.36 23.93
N LYS A 296 11.68 -9.22 22.63
CA LYS A 296 12.68 -9.58 21.60
C LYS A 296 13.75 -8.51 21.36
N LYS A 297 14.94 -8.95 21.00
CA LYS A 297 16.01 -8.04 20.58
C LYS A 297 16.03 -8.09 19.07
N ILE A 298 16.47 -7.00 18.45
CA ILE A 298 16.16 -6.71 17.05
C ILE A 298 17.35 -6.01 16.43
N VAL A 299 17.75 -6.54 15.28
CA VAL A 299 18.78 -5.89 14.46
C VAL A 299 18.28 -5.63 13.05
N PHE A 300 18.52 -4.41 12.59
CA PHE A 300 18.16 -3.95 11.25
C PHE A 300 19.41 -3.89 10.39
N ARG A 301 19.36 -4.55 9.24
CA ARG A 301 20.29 -4.24 8.18
C ARG A 301 19.57 -3.27 7.27
N GLY A 302 20.05 -2.03 7.25
CA GLY A 302 19.46 -0.96 6.48
C GLY A 302 19.11 0.07 7.52
N ALA A 303 19.80 1.20 7.48
CA ALA A 303 19.57 2.30 8.41
C ALA A 303 19.28 3.58 7.68
N GLY A 304 18.58 3.51 6.54
CA GLY A 304 18.15 4.70 5.78
C GLY A 304 16.88 5.27 6.37
N SER A 305 16.25 6.23 5.68
CA SER A 305 15.00 6.79 6.18
C SER A 305 13.95 5.70 6.41
N ALA A 306 13.85 4.74 5.50
CA ALA A 306 12.82 3.71 5.63
C ALA A 306 13.05 2.80 6.84
N GLY A 307 14.30 2.38 7.04
CA GLY A 307 14.63 1.50 8.17
C GLY A 307 14.34 2.14 9.52
N CYS A 308 14.80 3.38 9.68
CA CYS A 308 14.53 4.19 10.88
C CYS A 308 13.03 4.48 11.15
N GLY A 309 12.24 4.67 10.10
CA GLY A 309 10.82 4.86 10.24
C GLY A 309 10.15 3.60 10.73
N ILE A 310 10.57 2.44 10.23
CA ILE A 310 9.99 1.20 10.76
C ILE A 310 10.42 0.91 12.21
N ALA A 311 11.68 1.25 12.51
CA ALA A 311 12.24 1.06 13.84
C ALA A 311 11.48 1.91 14.85
N GLU A 312 11.28 3.19 14.53
CA GLU A 312 10.48 4.07 15.36
C GLU A 312 9.09 3.51 15.68
N MET A 313 8.47 2.78 14.76
CA MET A 313 7.12 2.33 15.04
C MET A 313 7.16 1.09 15.91
N ILE A 314 8.21 0.30 15.76
CA ILE A 314 8.39 -0.85 16.63
C ILE A 314 8.60 -0.34 18.10
N ILE A 315 9.47 0.65 18.24
CA ILE A 315 9.70 1.27 19.53
C ILE A 315 8.39 1.85 20.15
N SER A 316 7.55 2.51 19.38
CA SER A 316 6.27 2.96 19.93
C SER A 316 5.46 1.79 20.37
N GLN A 317 5.53 0.71 19.62
CA GLN A 317 4.69 -0.44 19.97
C GLN A 317 5.19 -1.18 21.24
N THR A 318 6.50 -1.23 21.43
CA THR A 318 7.01 -1.99 22.54
C THR A 318 6.79 -1.16 23.82
N GLN A 319 6.87 0.16 23.73
CA GLN A 319 6.30 1.00 24.80
C GLN A 319 4.86 0.66 25.14
N ARG A 320 4.01 0.47 24.14
CA ARG A 320 2.62 0.10 24.42
C ARG A 320 2.47 -1.26 25.10
N GLU A 321 3.55 -2.02 25.07
CA GLU A 321 3.57 -3.37 25.64
C GLU A 321 4.21 -3.41 27.02
N GLY A 322 4.79 -2.31 27.49
CA GLY A 322 5.26 -2.22 28.85
C GLY A 322 6.60 -1.55 29.05
N LEU A 323 7.38 -1.32 27.98
CA LEU A 323 8.76 -0.87 28.15
C LEU A 323 8.83 0.61 28.30
N SER A 324 9.89 1.10 28.91
CA SER A 324 10.23 2.51 28.83
C SER A 324 10.82 2.82 27.44
N GLU A 325 10.87 4.09 27.09
CA GLU A 325 11.39 4.46 25.80
C GLU A 325 12.84 4.02 25.76
N GLU A 326 13.61 4.37 26.81
CA GLU A 326 15.03 4.01 26.89
C GLU A 326 15.28 2.52 26.67
N ALA A 327 14.46 1.70 27.32
CA ALA A 327 14.55 0.26 27.19
C ALA A 327 14.20 -0.22 25.81
N ALA A 328 13.19 0.42 25.20
CA ALA A 328 12.73 -0.01 23.89
C ALA A 328 13.83 0.26 22.86
N ARG A 329 14.38 1.49 22.85
CA ARG A 329 15.44 1.91 21.94
C ARG A 329 16.73 1.09 22.10
N GLN A 330 16.98 0.65 23.33
CA GLN A 330 18.15 -0.16 23.61
C GLN A 330 18.07 -1.51 22.93
N LYS A 331 16.85 -1.98 22.63
CA LYS A 331 16.66 -3.35 22.10
C LYS A 331 16.73 -3.44 20.57
N VAL A 332 17.10 -2.33 19.94
CA VAL A 332 17.09 -2.19 18.50
C VAL A 332 18.46 -1.68 18.06
N PHE A 333 19.07 -2.37 17.10
CA PHE A 333 20.40 -1.97 16.58
C PHE A 333 20.41 -1.82 15.06
N MET A 334 20.79 -0.64 14.59
CA MET A 334 20.70 -0.25 13.19
C MET A 334 22.08 -0.23 12.49
N VAL A 335 22.16 -0.97 11.38
CA VAL A 335 23.41 -1.18 10.62
C VAL A 335 23.31 -0.62 9.19
N ASP A 336 24.17 0.34 8.82
CA ASP A 336 24.27 0.81 7.43
C ASP A 336 25.46 0.12 6.75
N ARG A 337 26.01 0.71 5.70
CA ARG A 337 27.19 0.17 5.00
C ARG A 337 28.32 -0.16 6.00
N PHE A 338 28.86 0.88 6.64
CA PHE A 338 29.72 0.74 7.82
C PHE A 338 28.99 -0.09 8.86
N GLY A 339 29.74 -0.68 9.78
CA GLY A 339 29.22 -1.66 10.71
C GLY A 339 27.97 -1.30 11.50
N LEU A 340 28.04 -0.28 12.35
CA LEU A 340 26.95 0.03 13.29
C LEU A 340 26.82 1.51 13.56
N LEU A 341 25.60 1.97 13.79
CA LEU A 341 25.38 3.34 14.22
C LEU A 341 25.61 3.43 15.73
N THR A 342 26.54 4.28 16.14
CA THR A 342 26.81 4.48 17.56
C THR A 342 27.08 5.94 17.89
N ASP A 343 27.37 6.14 19.17
CA ASP A 343 28.06 7.31 19.64
C ASP A 343 29.38 7.49 18.89
N LYS A 344 29.78 8.75 18.77
CA LYS A 344 31.03 9.15 18.13
C LYS A 344 31.03 8.99 16.61
N MET A 345 29.99 8.39 16.02
CA MET A 345 29.92 8.35 14.57
C MET A 345 29.65 9.76 14.06
N PRO A 346 30.43 10.20 13.05
CA PRO A 346 30.26 11.56 12.57
C PRO A 346 29.22 11.68 11.46
N ASN A 347 28.63 12.87 11.36
CA ASN A 347 27.77 13.29 10.23
C ASN A 347 26.52 12.44 10.03
N LEU A 348 25.78 12.27 11.12
CA LEU A 348 24.49 11.60 11.10
C LEU A 348 23.35 12.61 11.05
N LEU A 349 22.37 12.32 10.20
CA LEU A 349 21.21 13.18 9.99
C LEU A 349 20.22 12.92 11.12
N PRO A 350 19.34 13.90 11.42
CA PRO A 350 18.62 13.84 12.70
C PRO A 350 17.96 12.49 13.03
N PHE A 351 17.27 11.88 12.08
CA PHE A 351 16.53 10.64 12.35
C PHE A 351 17.39 9.45 12.76
N GLN A 352 18.62 9.38 12.29
CA GLN A 352 19.50 8.28 12.67
C GLN A 352 20.14 8.50 14.04
N THR A 353 20.36 9.76 14.40
CA THR A 353 20.84 10.12 15.74
C THR A 353 19.95 9.50 16.83
N LYS A 354 18.63 9.63 16.69
CA LYS A 354 17.65 9.01 17.62
C LYS A 354 17.86 7.52 17.88
N LEU A 355 18.58 6.82 17.01
CA LEU A 355 18.70 5.37 17.10
C LEU A 355 20.13 4.91 17.32
N VAL A 356 21.05 5.85 17.48
CA VAL A 356 22.47 5.49 17.65
C VAL A 356 22.69 4.81 18.98
N GLN A 357 23.50 3.76 18.98
CA GLN A 357 23.89 3.11 20.21
C GLN A 357 24.97 3.88 20.96
N LYS A 358 24.93 3.84 22.29
CA LYS A 358 25.94 4.54 23.11
C LYS A 358 27.02 3.53 23.43
N ARG A 359 28.27 3.94 23.24
CA ARG A 359 29.41 3.04 23.41
C ARG A 359 29.58 2.46 24.82
N GLU A 360 29.09 3.18 25.85
CA GLU A 360 29.14 2.70 27.24
C GLU A 360 28.40 1.37 27.42
N ASN A 361 27.27 1.21 26.75
CA ASN A 361 26.54 -0.04 26.74
C ASN A 361 27.29 -1.12 25.97
N LEU A 362 28.26 -0.67 25.17
CA LEU A 362 29.08 -1.53 24.32
C LEU A 362 30.48 -1.81 24.90
N SER A 363 30.69 -1.44 26.15
CA SER A 363 31.88 -1.88 26.90
C SER A 363 31.86 -3.39 27.13
N ASP A 364 30.66 -3.96 27.10
CA ASP A 364 30.48 -5.41 27.23
C ASP A 364 31.05 -6.18 26.02
N TRP A 365 31.09 -5.54 24.85
CA TRP A 365 31.34 -6.24 23.59
C TRP A 365 32.74 -6.85 23.48
N ASP A 366 32.84 -8.00 22.81
CA ASP A 366 34.12 -8.73 22.69
C ASP A 366 35.10 -8.07 21.73
N THR A 367 34.58 -7.51 20.65
CA THR A 367 35.39 -6.82 19.66
C THR A 367 35.43 -5.33 20.00
N ASP A 368 36.33 -4.63 19.35
CA ASP A 368 36.36 -3.18 19.37
C ASP A 368 36.65 -2.74 17.94
N SER A 369 36.39 -1.46 17.67
CA SER A 369 36.80 -0.78 16.44
C SER A 369 36.07 0.53 16.39
N ASP A 370 36.42 1.39 15.45
CA ASP A 370 35.50 2.44 15.04
C ASP A 370 34.30 1.76 14.34
N VAL A 371 34.60 0.79 13.47
CA VAL A 371 33.59 0.08 12.67
C VAL A 371 33.38 -1.37 13.17
N LEU A 372 32.15 -1.68 13.59
CA LEU A 372 31.80 -2.98 14.17
C LEU A 372 30.85 -3.75 13.25
N SER A 373 31.32 -4.81 12.62
CA SER A 373 30.60 -5.45 11.51
C SER A 373 29.21 -5.96 11.87
N LEU A 374 28.42 -6.29 10.86
CA LEU A 374 27.09 -6.87 11.07
C LEU A 374 27.22 -8.23 11.71
N LEU A 375 28.14 -9.04 11.24
CA LEU A 375 28.41 -10.31 11.91
C LEU A 375 28.81 -10.08 13.37
N ASP A 376 29.54 -8.99 13.62
CA ASP A 376 29.93 -8.59 14.99
C ASP A 376 28.79 -7.96 15.80
N VAL A 377 27.81 -7.35 15.12
CA VAL A 377 26.59 -6.88 15.80
C VAL A 377 25.71 -8.11 16.12
N VAL A 378 25.43 -8.95 15.13
CA VAL A 378 24.68 -10.20 15.36
C VAL A 378 25.32 -11.05 16.46
N ARG A 379 26.64 -11.01 16.51
CA ARG A 379 27.39 -11.79 17.48
C ARG A 379 27.11 -11.29 18.90
N ASN A 380 27.24 -9.97 19.07
CA ASN A 380 27.12 -9.32 20.39
C ASN A 380 25.72 -9.02 20.88
N VAL A 381 24.73 -8.99 19.98
CA VAL A 381 23.32 -8.80 20.39
C VAL A 381 22.56 -10.13 20.61
N LYS A 382 22.86 -11.15 19.81
CA LYS A 382 22.12 -12.43 19.81
C LYS A 382 20.62 -12.32 19.57
N PRO A 383 20.21 -11.69 18.43
CA PRO A 383 18.83 -11.24 18.28
C PRO A 383 17.81 -12.36 18.12
N ASP A 384 16.54 -12.01 18.37
CA ASP A 384 15.38 -12.85 18.10
C ASP A 384 14.82 -12.54 16.69
N ILE A 385 15.14 -11.34 16.19
CA ILE A 385 14.57 -10.82 14.97
C ILE A 385 15.65 -10.11 14.20
N LEU A 386 15.81 -10.57 12.97
CA LEU A 386 16.68 -9.90 12.01
C LEU A 386 15.82 -9.49 10.82
N ILE A 387 15.97 -8.21 10.44
CA ILE A 387 15.17 -7.57 9.40
C ILE A 387 16.12 -6.98 8.42
N GLY A 388 15.83 -7.21 7.13
CA GLY A 388 16.63 -6.62 6.03
C GLY A 388 15.85 -5.64 5.19
N VAL A 389 16.36 -4.42 5.08
CA VAL A 389 15.76 -3.34 4.30
C VAL A 389 16.75 -2.64 3.37
N SER A 390 18.04 -3.04 3.42
CA SER A 390 19.14 -2.37 2.67
C SER A 390 19.06 -2.57 1.15
N GLY A 391 18.69 -3.78 0.74
CA GLY A 391 18.54 -4.11 -0.67
C GLY A 391 19.75 -4.81 -1.27
N CYS A 392 20.79 -5.03 -0.47
CA CYS A 392 21.98 -5.75 -0.93
C CYS A 392 21.76 -7.26 -0.80
N THR A 393 22.02 -7.99 -1.88
CA THR A 393 21.75 -9.43 -1.95
C THR A 393 22.77 -10.22 -1.11
N GLY A 394 22.36 -11.39 -0.63
CA GLY A 394 23.23 -12.32 0.09
C GLY A 394 23.82 -11.88 1.43
N LEU A 395 23.51 -10.66 1.90
CA LEU A 395 24.11 -10.13 3.16
C LEU A 395 23.78 -10.97 4.37
N PHE A 396 22.67 -11.71 4.29
CA PHE A 396 22.32 -12.68 5.31
C PHE A 396 22.99 -14.01 4.95
N THR A 397 24.33 -13.98 5.10
CA THR A 397 25.22 -15.11 4.75
C THR A 397 24.95 -16.29 5.66
N GLU A 398 25.36 -17.48 5.25
CA GLU A 398 25.12 -18.67 6.07
C GLU A 398 25.70 -18.55 7.50
N GLU A 399 26.86 -17.92 7.61
CA GLU A 399 27.48 -17.66 8.90
C GLU A 399 26.62 -16.70 9.72
N ILE A 400 26.18 -15.59 9.11
CA ILE A 400 25.33 -14.61 9.80
C ILE A 400 24.01 -15.25 10.26
N ILE A 401 23.45 -16.17 9.49
CA ILE A 401 22.20 -16.82 9.89
C ILE A 401 22.41 -17.85 10.99
N ARG A 402 23.42 -18.68 10.85
CA ARG A 402 23.70 -19.72 11.84
C ARG A 402 24.06 -19.12 13.20
N GLU A 403 24.92 -18.09 13.18
CA GLU A 403 25.29 -17.34 14.38
C GLU A 403 24.04 -16.82 15.11
N MET A 404 23.04 -16.41 14.34
CA MET A 404 21.77 -15.97 14.90
C MET A 404 20.96 -17.18 15.44
N HIS A 405 20.87 -18.27 14.67
CA HIS A 405 20.20 -19.51 15.14
C HIS A 405 21.00 -20.21 16.24
N LYS A 406 22.28 -19.84 16.35
CA LYS A 406 23.19 -20.40 17.36
C LYS A 406 22.79 -20.03 18.81
N HIS A 407 22.02 -18.95 18.97
CA HIS A 407 21.48 -18.59 20.28
C HIS A 407 19.95 -18.58 20.29
N CYS A 408 19.32 -18.15 19.20
CA CYS A 408 17.87 -18.00 19.14
C CYS A 408 17.20 -19.27 18.59
N PRO A 409 16.33 -19.92 19.39
CA PRO A 409 15.65 -21.15 18.95
C PRO A 409 14.68 -21.01 17.78
N ARG A 410 13.76 -20.05 17.85
CA ARG A 410 12.76 -19.87 16.80
C ARG A 410 12.92 -18.51 16.12
N PRO A 411 13.93 -18.39 15.24
CA PRO A 411 14.30 -17.11 14.65
C PRO A 411 13.19 -16.48 13.81
N ILE A 412 13.09 -15.15 13.89
CA ILE A 412 12.20 -14.37 13.01
C ILE A 412 13.11 -13.60 12.09
N VAL A 413 13.01 -13.92 10.80
CA VAL A 413 13.86 -13.25 9.82
C VAL A 413 12.99 -12.78 8.67
N MET A 414 13.24 -11.53 8.30
CA MET A 414 12.37 -10.84 7.37
C MET A 414 13.25 -10.06 6.43
N PRO A 415 13.54 -10.65 5.27
CA PRO A 415 14.13 -9.90 4.16
C PRO A 415 12.99 -9.12 3.51
N LEU A 416 12.93 -7.83 3.81
CA LEU A 416 11.84 -6.99 3.35
C LEU A 416 12.18 -6.30 2.05
N SER A 417 13.45 -6.35 1.66
CA SER A 417 13.95 -5.64 0.47
C SER A 417 13.17 -6.08 -0.77
N ASN A 418 12.82 -5.10 -1.60
CA ASN A 418 12.11 -5.32 -2.85
C ASN A 418 12.97 -4.84 -4.03
N PRO A 419 12.86 -5.52 -5.21
CA PRO A 419 12.12 -6.75 -5.50
C PRO A 419 12.92 -7.99 -5.08
N THR A 420 12.42 -9.17 -5.43
CA THR A 420 13.03 -10.46 -5.03
C THR A 420 14.53 -10.54 -5.30
N SER A 421 15.00 -9.89 -6.35
CA SER A 421 16.42 -9.94 -6.66
C SER A 421 17.30 -9.30 -5.58
N ARG A 422 16.76 -8.34 -4.81
CA ARG A 422 17.59 -7.59 -3.85
C ARG A 422 17.51 -8.11 -2.39
N VAL A 423 16.91 -9.29 -2.18
CA VAL A 423 16.71 -9.84 -0.83
C VAL A 423 18.01 -10.33 -0.20
N GLU A 424 18.22 -9.92 1.06
CA GLU A 424 19.44 -10.27 1.80
C GLU A 424 19.53 -11.79 2.07
N ALA A 425 18.40 -12.49 1.99
CA ALA A 425 18.41 -13.95 1.83
C ALA A 425 17.09 -14.45 1.30
N THR A 426 17.10 -15.56 0.56
CA THR A 426 15.85 -16.10 0.02
C THR A 426 15.17 -16.85 1.16
N PRO A 427 13.85 -17.10 1.04
CA PRO A 427 13.17 -17.97 2.01
C PRO A 427 13.67 -19.40 2.04
N GLN A 428 13.88 -19.98 0.86
CA GLN A 428 14.43 -21.33 0.73
C GLN A 428 15.77 -21.48 1.51
N ASP A 429 16.61 -20.46 1.47
CA ASP A 429 17.93 -20.53 2.10
C ASP A 429 17.86 -20.55 3.61
N ILE A 430 17.13 -19.58 4.16
CA ILE A 430 17.09 -19.36 5.61
C ILE A 430 16.30 -20.48 6.30
N ILE A 431 15.23 -20.96 5.67
CA ILE A 431 14.50 -22.11 6.22
C ILE A 431 15.42 -23.34 6.26
N ALA A 432 16.31 -23.48 5.27
CA ALA A 432 17.32 -24.54 5.32
C ALA A 432 18.23 -24.29 6.51
N TRP A 433 18.94 -23.16 6.46
CA TRP A 433 19.91 -22.79 7.50
C TRP A 433 19.36 -22.69 8.96
N THR A 434 18.06 -22.92 9.16
CA THR A 434 17.44 -23.00 10.50
C THR A 434 16.66 -24.29 10.72
N GLU A 435 16.74 -25.22 9.76
CA GLU A 435 16.11 -26.53 9.87
C GLU A 435 14.59 -26.44 10.08
N GLY A 436 13.95 -25.53 9.36
CA GLY A 436 12.48 -25.38 9.46
C GLY A 436 11.94 -24.77 10.75
N ASN A 437 12.80 -24.08 11.49
CA ASN A 437 12.39 -23.45 12.75
C ASN A 437 12.04 -21.96 12.61
N ALA A 438 12.50 -21.35 11.50
CA ALA A 438 12.38 -19.91 11.32
C ALA A 438 10.95 -19.48 10.99
N LEU A 439 10.64 -18.23 11.32
CA LEU A 439 9.42 -17.58 10.88
C LEU A 439 9.86 -16.53 9.88
N VAL A 440 9.28 -16.59 8.69
CA VAL A 440 9.68 -15.78 7.54
C VAL A 440 8.50 -15.00 7.01
N ALA A 441 8.75 -13.72 6.77
CA ALA A 441 7.83 -12.87 6.03
C ALA A 441 8.69 -12.00 5.14
N THR A 442 8.17 -11.69 3.97
CA THR A 442 8.93 -10.97 2.94
C THR A 442 8.24 -9.71 2.52
N GLY A 443 9.01 -8.80 1.91
CA GLY A 443 8.42 -7.64 1.22
C GLY A 443 7.79 -8.04 -0.11
N SER A 444 8.46 -8.92 -0.85
CA SER A 444 8.02 -9.35 -2.18
C SER A 444 7.41 -10.74 -2.08
N PRO A 445 6.52 -11.10 -3.01
CA PRO A 445 5.94 -12.46 -2.92
C PRO A 445 6.90 -13.63 -3.28
N PHE A 446 6.85 -14.70 -2.49
CA PHE A 446 7.56 -15.95 -2.81
C PHE A 446 6.57 -17.09 -2.76
N ASN A 447 6.86 -18.17 -3.48
CA ASN A 447 5.98 -19.34 -3.46
C ASN A 447 6.31 -20.19 -2.23
N PRO A 448 5.33 -20.99 -1.77
CA PRO A 448 5.55 -21.78 -0.55
C PRO A 448 6.74 -22.72 -0.67
N VAL A 449 7.64 -22.65 0.29
CA VAL A 449 8.93 -23.33 0.20
C VAL A 449 8.77 -24.82 0.51
N VAL A 450 9.50 -25.63 -0.26
CA VAL A 450 9.50 -27.09 -0.14
C VAL A 450 10.78 -27.51 0.58
N TRP A 451 10.63 -28.37 1.59
CA TRP A 451 11.76 -28.77 2.41
C TRP A 451 11.44 -30.05 3.16
N LYS A 452 12.13 -31.14 2.82
CA LYS A 452 11.92 -32.44 3.48
C LYS A 452 10.49 -32.97 3.34
N ASP A 453 9.92 -32.88 2.14
CA ASP A 453 8.51 -33.22 1.88
C ASP A 453 7.52 -32.30 2.61
N LYS A 454 8.04 -31.32 3.32
CA LYS A 454 7.22 -30.39 4.08
C LYS A 454 7.12 -29.08 3.28
N ILE A 455 5.99 -28.39 3.45
CA ILE A 455 5.70 -27.15 2.76
C ILE A 455 5.57 -26.02 3.79
N TYR A 456 6.23 -24.91 3.50
CA TYR A 456 6.25 -23.76 4.39
C TYR A 456 5.80 -22.53 3.60
N PRO A 457 4.53 -22.10 3.78
CA PRO A 457 4.11 -20.88 3.09
C PRO A 457 4.89 -19.67 3.62
N ILE A 458 5.21 -18.73 2.73
CA ILE A 458 5.96 -17.51 3.11
C ILE A 458 5.04 -16.29 3.01
N ALA A 459 4.72 -15.71 4.17
CA ALA A 459 3.84 -14.53 4.19
C ALA A 459 4.56 -13.30 3.60
N GLN A 460 3.78 -12.46 2.96
CA GLN A 460 4.29 -11.22 2.43
C GLN A 460 3.67 -10.05 3.20
N CYS A 461 4.52 -9.16 3.65
CA CYS A 461 4.08 -7.91 4.24
C CYS A 461 3.52 -6.99 3.14
N ASN A 462 2.29 -7.29 2.72
CA ASN A 462 1.60 -6.53 1.73
C ASN A 462 0.81 -5.33 2.29
N ASN A 463 1.12 -4.11 1.82
CA ASN A 463 0.41 -2.91 2.27
C ASN A 463 -1.09 -2.93 2.07
N ALA A 464 -1.59 -3.79 1.21
CA ALA A 464 -3.03 -3.88 1.03
C ALA A 464 -3.74 -4.44 2.28
N PHE A 465 -2.99 -4.97 3.24
CA PHE A 465 -3.59 -5.28 4.52
C PHE A 465 -3.95 -4.05 5.41
N ILE A 466 -3.39 -2.88 5.12
CA ILE A 466 -3.48 -1.69 5.94
C ILE A 466 -4.28 -0.56 5.28
N PHE A 467 -3.85 -0.04 4.12
CA PHE A 467 -4.46 1.20 3.58
C PHE A 467 -5.94 1.12 3.28
N PRO A 468 -6.43 -0.02 2.78
CA PRO A 468 -7.87 0.03 2.54
C PRO A 468 -8.71 0.17 3.82
N GLY A 469 -8.33 -0.53 4.89
CA GLY A 469 -8.99 -0.31 6.20
C GLY A 469 -8.85 1.09 6.68
N ILE A 470 -7.65 1.66 6.52
CA ILE A 470 -7.47 3.04 6.90
C ILE A 470 -8.49 3.91 6.19
N GLY A 471 -8.65 3.70 4.88
CA GLY A 471 -9.55 4.56 4.14
C GLY A 471 -11.00 4.34 4.53
N LEU A 472 -11.37 3.09 4.70
CA LEU A 472 -12.76 2.78 5.11
C LEU A 472 -13.07 3.32 6.55
N GLY A 473 -12.05 3.30 7.43
CA GLY A 473 -12.19 3.86 8.78
C GLY A 473 -12.31 5.36 8.78
N VAL A 474 -11.51 6.01 7.97
CA VAL A 474 -11.57 7.45 7.83
C VAL A 474 -12.95 7.84 7.36
N ILE A 475 -13.41 7.22 6.31
CA ILE A 475 -14.70 7.61 5.72
C ILE A 475 -15.89 7.28 6.61
N ALA A 476 -15.90 6.08 7.19
CA ALA A 476 -17.00 5.71 8.10
C ALA A 476 -17.07 6.59 9.36
N SER A 477 -15.94 6.95 9.95
CA SER A 477 -15.90 7.87 11.11
C SER A 477 -15.90 9.38 10.78
N GLY A 478 -15.57 9.75 9.55
CA GLY A 478 -15.44 11.15 9.18
C GLY A 478 -14.21 11.80 9.80
N ALA A 479 -13.13 11.03 9.98
CA ALA A 479 -11.91 11.51 10.59
C ALA A 479 -11.22 12.58 9.74
N SER A 480 -10.79 13.67 10.38
CA SER A 480 -10.20 14.81 9.71
C SER A 480 -8.70 14.68 9.56
N ARG A 481 -8.08 13.69 10.16
CA ARG A 481 -6.67 13.49 9.97
C ARG A 481 -6.30 12.09 10.34
N ILE A 482 -5.11 11.66 9.95
CA ILE A 482 -4.71 10.29 10.22
C ILE A 482 -3.51 10.30 11.19
N THR A 483 -3.76 9.94 12.44
CA THR A 483 -2.73 10.13 13.48
C THR A 483 -1.83 8.93 13.52
N ASP A 484 -0.65 9.08 14.10
CA ASP A 484 0.17 7.90 14.37
C ASP A 484 -0.60 6.81 15.14
N GLU A 485 -1.48 7.22 16.05
CA GLU A 485 -2.15 6.28 16.84
C GLU A 485 -3.16 5.51 16.03
N MET A 486 -3.85 6.18 15.11
CA MET A 486 -4.73 5.44 14.18
C MET A 486 -3.94 4.40 13.38
N LEU A 487 -2.71 4.71 12.95
CA LEU A 487 -1.88 3.73 12.20
C LEU A 487 -1.47 2.54 13.06
N MET A 488 -1.22 2.83 14.33
CA MET A 488 -0.82 1.78 15.26
C MET A 488 -2.00 0.88 15.56
N SER A 489 -3.19 1.45 15.65
CA SER A 489 -4.36 0.59 15.84
C SER A 489 -4.60 -0.36 14.66
N ALA A 490 -4.27 0.09 13.46
CA ALA A 490 -4.34 -0.78 12.27
C ALA A 490 -3.34 -1.94 12.42
N SER A 491 -2.11 -1.65 12.81
CA SER A 491 -1.11 -2.72 13.00
C SER A 491 -1.58 -3.70 14.05
N GLU A 492 -2.08 -3.20 15.17
CA GLU A 492 -2.48 -4.10 16.25
C GLU A 492 -3.65 -4.89 15.81
N THR A 493 -4.59 -4.29 15.08
CA THR A 493 -5.74 -5.08 14.69
C THR A 493 -5.32 -6.19 13.69
N LEU A 494 -4.47 -5.85 12.75
CA LEU A 494 -4.02 -6.79 11.78
C LEU A 494 -3.46 -8.05 12.47
N ALA A 495 -2.60 -7.84 13.46
CA ALA A 495 -2.03 -8.96 14.22
C ALA A 495 -3.09 -9.89 14.83
N GLN A 496 -4.21 -9.35 15.29
CA GLN A 496 -5.28 -10.21 15.81
C GLN A 496 -5.83 -11.20 14.79
N TYR A 497 -5.54 -11.00 13.50
CA TYR A 497 -6.06 -11.91 12.46
C TYR A 497 -4.99 -12.87 11.94
N SER A 498 -3.87 -12.96 12.62
CA SER A 498 -2.83 -13.93 12.25
C SER A 498 -3.30 -15.39 12.35
N PRO A 499 -3.32 -16.11 11.21
CA PRO A 499 -3.69 -17.56 11.22
C PRO A 499 -2.73 -18.41 12.02
N LEU A 500 -1.43 -18.15 11.91
CA LEU A 500 -0.44 -18.83 12.73
C LEU A 500 -0.70 -18.68 14.25
N VAL A 501 -1.22 -17.54 14.67
CA VAL A 501 -1.50 -17.34 16.09
C VAL A 501 -2.90 -17.85 16.37
N LEU A 502 -3.84 -17.58 15.48
CA LEU A 502 -5.24 -17.95 15.74
C LEU A 502 -5.42 -19.47 15.86
N ASN A 503 -5.00 -20.19 14.82
CA ASN A 503 -5.12 -21.64 14.73
C ASN A 503 -3.87 -22.38 15.15
N GLY A 504 -2.85 -21.68 15.60
CA GLY A 504 -1.59 -22.35 15.90
C GLY A 504 -0.80 -22.90 14.71
N GLU A 505 -1.29 -22.72 13.47
CA GLU A 505 -0.55 -23.12 12.25
C GLU A 505 -0.94 -22.28 11.03
N GLY A 506 0.06 -21.91 10.21
CA GLY A 506 -0.17 -21.24 8.92
C GLY A 506 0.84 -20.12 8.65
N MET A 507 0.44 -19.13 7.87
CA MET A 507 1.24 -17.90 7.74
C MET A 507 0.99 -16.94 8.89
N VAL A 508 1.98 -16.10 9.16
CA VAL A 508 1.82 -14.99 10.10
C VAL A 508 0.68 -14.04 9.74
N LEU A 509 0.57 -13.67 8.46
CA LEU A 509 -0.50 -12.76 7.99
C LEU A 509 -1.66 -13.55 7.42
N PRO A 510 -2.85 -12.92 7.35
CA PRO A 510 -4.05 -13.63 6.89
C PRO A 510 -4.06 -13.78 5.38
N GLU A 511 -4.94 -14.62 4.86
CA GLU A 511 -5.05 -14.87 3.43
C GLU A 511 -5.91 -13.83 2.77
N LEU A 512 -5.70 -13.61 1.47
CA LEU A 512 -6.42 -12.55 0.74
C LEU A 512 -7.91 -12.80 0.64
N LYS A 513 -8.30 -14.05 0.84
CA LYS A 513 -9.71 -14.37 0.90
C LYS A 513 -10.39 -13.55 2.02
N ASP A 514 -9.61 -13.23 3.06
CA ASP A 514 -10.13 -12.54 4.23
C ASP A 514 -9.84 -11.03 4.27
N ILE A 515 -9.40 -10.45 3.16
CA ILE A 515 -8.91 -9.08 3.19
C ILE A 515 -10.02 -8.08 3.45
N GLN A 516 -11.23 -8.37 2.97
CA GLN A 516 -12.39 -7.51 3.24
C GLN A 516 -12.79 -7.54 4.74
N LYS A 517 -12.72 -8.73 5.33
CA LYS A 517 -12.98 -8.94 6.75
C LYS A 517 -11.97 -8.20 7.56
N VAL A 518 -10.68 -8.41 7.31
CA VAL A 518 -9.64 -7.64 7.97
C VAL A 518 -9.84 -6.12 7.83
N SER A 519 -10.12 -5.66 6.63
CA SER A 519 -10.25 -4.22 6.35
C SER A 519 -11.37 -3.61 7.17
N ARG A 520 -12.44 -4.37 7.34
CA ARG A 520 -13.60 -3.91 8.10
C ARG A 520 -13.30 -3.81 9.63
N ALA A 521 -12.51 -4.73 10.12
CA ALA A 521 -12.08 -4.75 11.48
C ALA A 521 -11.13 -3.63 11.68
N ILE A 522 -10.21 -3.42 10.75
CA ILE A 522 -9.25 -2.31 10.87
C ILE A 522 -9.95 -0.96 10.88
N ALA A 523 -10.94 -0.84 10.03
CA ALA A 523 -11.67 0.36 9.94
C ALA A 523 -12.33 0.67 11.29
N PHE A 524 -12.84 -0.34 11.99
CA PHE A 524 -13.47 -0.15 13.31
C PHE A 524 -12.49 0.42 14.34
N ALA A 525 -11.33 -0.20 14.44
CA ALA A 525 -10.28 0.26 15.30
C ALA A 525 -9.80 1.65 14.99
N VAL A 526 -9.68 1.96 13.71
CA VAL A 526 -9.10 3.25 13.28
C VAL A 526 -10.12 4.32 13.57
N GLY A 527 -11.36 4.05 13.22
CA GLY A 527 -12.46 4.92 13.55
C GLY A 527 -12.63 5.21 15.07
N LYS A 528 -12.52 4.17 15.89
CA LYS A 528 -12.62 4.32 17.35
C LYS A 528 -11.51 5.16 17.91
N MET A 529 -10.27 4.88 17.48
CA MET A 529 -9.15 5.71 17.81
C MET A 529 -9.39 7.15 17.42
N ALA A 530 -9.92 7.40 16.23
CA ALA A 530 -10.07 8.79 15.78
C ALA A 530 -11.02 9.50 16.71
N GLN A 531 -12.04 8.77 17.15
CA GLN A 531 -13.08 9.38 17.98
C GLN A 531 -12.52 9.65 19.39
N GLN A 532 -11.75 8.70 19.86
CA GLN A 532 -11.07 8.83 21.11
C GLN A 532 -10.08 10.00 21.12
N GLN A 533 -9.38 10.25 20.03
CA GLN A 533 -8.42 11.39 19.93
C GLN A 533 -9.05 12.71 19.60
N GLY A 534 -10.34 12.73 19.36
CA GLY A 534 -10.99 13.96 18.95
C GLY A 534 -10.77 14.48 17.54
N VAL A 535 -10.54 13.54 16.59
CA VAL A 535 -10.46 13.90 15.15
C VAL A 535 -11.62 13.31 14.37
N ALA A 536 -12.53 12.67 15.09
CA ALA A 536 -13.85 12.30 14.55
C ALA A 536 -14.92 12.45 15.63
N VAL A 537 -16.16 12.75 15.25
CA VAL A 537 -17.24 12.93 16.20
C VAL A 537 -17.51 11.60 16.90
N LYS A 538 -17.79 11.68 18.20
CA LYS A 538 -18.02 10.49 19.03
C LYS A 538 -19.39 9.96 18.73
N THR A 539 -19.50 8.64 18.72
CA THR A 539 -20.77 7.97 18.46
C THR A 539 -20.66 6.68 19.27
N SER A 540 -21.76 5.98 19.40
CA SER A 540 -21.67 4.60 19.94
C SER A 540 -20.91 3.66 19.01
N ALA A 541 -20.39 2.59 19.57
CA ALA A 541 -19.70 1.54 18.84
C ALA A 541 -20.61 0.88 17.79
N GLU A 542 -21.87 0.71 18.14
CA GLU A 542 -22.88 0.19 17.24
C GLU A 542 -23.15 1.10 16.04
N ALA A 543 -23.16 2.41 16.27
CA ALA A 543 -23.37 3.33 15.19
C ALA A 543 -22.16 3.34 14.21
N LEU A 544 -20.95 3.20 14.74
CA LEU A 544 -19.75 3.23 13.93
C LEU A 544 -19.72 1.98 13.07
N GLN A 545 -20.08 0.85 13.65
CA GLN A 545 -20.19 -0.39 12.93
C GLN A 545 -21.22 -0.34 11.80
N GLN A 546 -22.37 0.22 12.07
CA GLN A 546 -23.34 0.45 11.06
C GLN A 546 -22.86 1.37 9.91
N ALA A 547 -22.15 2.48 10.22
CA ALA A 547 -21.54 3.34 9.23
C ALA A 547 -20.53 2.54 8.36
N ILE A 548 -19.71 1.71 8.96
CA ILE A 548 -18.77 0.92 8.23
C ILE A 548 -19.54 0.09 7.21
N ASP A 549 -20.63 -0.54 7.64
CA ASP A 549 -21.43 -1.41 6.78
C ASP A 549 -22.10 -0.65 5.70
N ASP A 550 -22.58 0.56 5.99
CA ASP A 550 -23.27 1.39 5.00
C ASP A 550 -22.27 1.99 3.97
N ASN A 551 -20.98 2.05 4.31
CA ASN A 551 -20.03 2.61 3.42
C ASN A 551 -19.30 1.48 2.63
N PHE A 552 -19.60 0.22 2.89
CA PHE A 552 -18.82 -0.83 2.28
C PHE A 552 -19.47 -1.19 0.95
N TRP A 553 -18.86 -0.77 -0.15
CA TRP A 553 -19.43 -0.99 -1.51
C TRP A 553 -19.08 -2.38 -1.95
N GLN A 554 -20.10 -3.07 -2.38
CA GLN A 554 -19.87 -4.35 -3.07
C GLN A 554 -20.25 -4.24 -4.56
N ALA A 555 -19.73 -5.19 -5.34
CA ALA A 555 -19.94 -5.20 -6.82
C ALA A 555 -21.29 -5.75 -7.24
N GLU A 556 -22.30 -4.93 -7.08
CA GLU A 556 -23.64 -5.28 -7.46
C GLU A 556 -24.22 -4.04 -8.13
N TYR A 557 -25.17 -4.26 -9.02
CA TYR A 557 -25.73 -3.12 -9.76
C TYR A 557 -26.80 -2.42 -8.93
N ARG A 558 -26.95 -1.10 -9.10
CA ARG A 558 -28.04 -0.36 -8.55
C ARG A 558 -29.16 -0.31 -9.56
N ASP A 559 -30.38 0.01 -9.12
CA ASP A 559 -31.51 0.27 -10.00
C ASP A 559 -31.45 1.71 -10.37
N TYR A 560 -31.82 2.04 -11.61
CA TYR A 560 -31.68 3.40 -12.13
C TYR A 560 -33.01 4.03 -12.46
N ARG A 561 -33.10 5.31 -12.19
CA ARG A 561 -34.23 6.06 -12.66
C ARG A 561 -33.70 7.25 -13.37
N ARG A 562 -34.42 7.66 -14.40
CA ARG A 562 -34.02 8.78 -15.25
C ARG A 562 -34.50 10.15 -14.76
N THR A 563 -33.62 11.13 -14.77
CA THR A 563 -33.98 12.53 -14.53
C THR A 563 -33.61 13.40 -15.73
N SER A 564 -34.06 14.66 -15.73
CA SER A 564 -33.68 15.65 -16.76
C SER A 564 -32.38 16.36 -16.37
#